data_7BCL
#
_entry.id   7BCL
#
_cell.length_a   60.437
_cell.length_b   72.539
_cell.length_c   79.932
_cell.angle_alpha   90.000
_cell.angle_beta   90.000
_cell.angle_gamma   90.000
#
_symmetry.space_group_name_H-M   'P 21 21 21'
#
loop_
_entity.id
_entity.type
_entity.pdbx_description
1 polymer 'Palmitoleoyl-protein carboxylesterase NOTUM'
2 non-polymer 'SULFATE ION'
3 non-polymer 2-acetamido-2-deoxy-beta-D-glucopyranose
4 non-polymer 'DIMETHYL SULFOXIDE'
5 non-polymer 'methyl 2-(4-cyanophenoxy)ethanoate'
6 water water
#
_entity_poly.entity_id   1
_entity_poly.type   'polypeptide(L)'
_entity_poly.pdbx_seq_one_letter_code
;ETGSAQQLNEDLRLHLLLNTSVTCNDGSPAGYYLKESRGSRRWLLFLEGGWYCFNRENCDSRYDTMRRLMSSRDWPRTRT
GTGILSSQPEENPYWWNANMVFIPYCSSDVWSGASSKSEKNEYAFMGALIIQEVVRELLGRGLSGAKVLLLAGSSAGGTG
VLLNVDRVAEQLEKLGYPAIQVRGLADSGWFLDNKQYRHTDCVDTITCAPTEAIRRGIRYWNGVVPERCRRQFQEGEEWN
CFFGYKVYPTLRSPVFVVQWLFDEAQLTVDNVHLTGQPVQEGLRLYIQNLGRELRHTLKDVPASFAPACLSHEIIIRSHW
TDVQVKGTSLPRALHCWDRSLHDSHKASKTPLKGCPVHLVDSCPWPHCNPSCPTGTKHHHHHH
;
_entity_poly.pdbx_strand_id   A
#
loop_
_chem_comp.id
_chem_comp.type
_chem_comp.name
_chem_comp.formula
DMS non-polymer 'DIMETHYL SULFOXIDE' 'C2 H6 O S'
NAG D-saccharide, beta linking 2-acetamido-2-deoxy-beta-D-glucopyranose 'C8 H15 N O6'
SO4 non-polymer 'SULFATE ION' 'O4 S -2'
T9K non-polymer 'methyl 2-(4-cyanophenoxy)ethanoate' 'C10 H9 N O3'
#
# COMPACT_ATOMS: atom_id res chain seq x y z
N ASP A 11 14.29 -16.54 -0.39
CA ASP A 11 13.03 -16.92 0.27
C ASP A 11 12.83 -16.18 1.60
N LEU A 12 11.58 -15.80 1.87
CA LEU A 12 11.15 -15.26 3.14
C LEU A 12 10.37 -16.33 3.90
N ARG A 13 10.64 -16.45 5.21
CA ARG A 13 10.07 -17.52 6.04
C ARG A 13 8.90 -17.02 6.88
N LEU A 14 7.85 -17.85 6.99
CA LEU A 14 6.62 -17.47 7.70
C LEU A 14 6.79 -17.51 9.22
N HIS A 15 6.27 -16.48 9.90
CA HIS A 15 6.06 -16.50 11.35
C HIS A 15 4.62 -16.07 11.64
N LEU A 16 3.85 -16.93 12.31
CA LEU A 16 2.53 -16.53 12.82
C LEU A 16 2.69 -15.72 14.10
N LEU A 17 1.78 -14.76 14.31
CA LEU A 17 1.91 -13.85 15.44
C LEU A 17 1.78 -14.60 16.76
N LEU A 18 2.69 -14.31 17.68
CA LEU A 18 2.65 -14.92 19.03
C LEU A 18 1.42 -14.43 19.82
N ASN A 19 0.99 -13.20 19.57
CA ASN A 19 -0.25 -12.69 20.16
C ASN A 19 -1.40 -13.20 19.29
N THR A 20 -2.02 -14.30 19.72
CA THR A 20 -3.02 -14.99 18.91
C THR A 20 -4.36 -14.27 18.88
N SER A 21 -4.51 -13.17 19.62
CA SER A 21 -5.72 -12.35 19.55
CA SER A 21 -5.72 -12.35 19.55
C SER A 21 -5.72 -11.39 18.36
N VAL A 22 -4.63 -11.31 17.61
CA VAL A 22 -4.55 -10.51 16.40
C VAL A 22 -4.71 -11.49 15.24
N THR A 23 -5.87 -11.46 14.60
CA THR A 23 -6.28 -12.52 13.69
C THR A 23 -6.67 -11.98 12.32
N CYS A 24 -6.65 -12.91 11.36
CA CYS A 24 -7.30 -12.76 10.06
C CYS A 24 -8.82 -12.78 10.23
N ASN A 25 -9.54 -12.64 9.09
CA ASN A 25 -11.01 -12.54 9.14
C ASN A 25 -11.66 -13.68 9.92
N ASP A 26 -11.19 -14.92 9.73
CA ASP A 26 -11.89 -16.07 10.29
C ASP A 26 -11.38 -16.48 11.68
N GLY A 27 -10.52 -15.67 12.30
CA GLY A 27 -10.02 -15.96 13.63
C GLY A 27 -8.70 -16.69 13.68
N SER A 28 -8.17 -17.15 12.54
CA SER A 28 -6.84 -17.77 12.54
C SER A 28 -5.77 -16.69 12.70
N PRO A 29 -4.62 -17.03 13.28
CA PRO A 29 -3.63 -15.98 13.57
C PRO A 29 -3.11 -15.33 12.30
N ALA A 30 -2.91 -14.01 12.35
CA ALA A 30 -2.20 -13.31 11.28
C ALA A 30 -0.70 -13.63 11.35
N GLY A 31 0.09 -13.00 10.49
CA GLY A 31 1.54 -13.26 10.52
C GLY A 31 2.32 -12.39 9.55
N TYR A 32 3.55 -12.84 9.25
CA TYR A 32 4.47 -12.11 8.37
C TYR A 32 5.55 -13.05 7.88
N TYR A 33 6.10 -12.74 6.70
CA TYR A 33 7.26 -13.47 6.14
C TYR A 33 8.50 -12.61 6.31
N LEU A 34 9.59 -13.23 6.75
CA LEU A 34 10.81 -12.49 7.08
C LEU A 34 12.05 -13.12 6.46
N LYS A 35 12.91 -12.28 5.87
CA LYS A 35 14.28 -12.64 5.56
C LYS A 35 15.21 -11.59 6.16
N GLU A 36 16.03 -12.00 7.13
CA GLU A 36 16.91 -11.04 7.80
C GLU A 36 18.15 -10.76 6.97
N SER A 37 18.75 -9.60 7.21
CA SER A 37 20.06 -9.24 6.65
C SER A 37 20.87 -8.67 7.82
N ARG A 38 21.73 -9.50 8.43
CA ARG A 38 22.36 -9.13 9.69
C ARG A 38 23.25 -7.89 9.58
N GLY A 39 23.78 -7.60 8.40
CA GLY A 39 24.65 -6.44 8.28
C GLY A 39 23.97 -5.16 7.80
N SER A 40 22.67 -5.02 8.05
CA SER A 40 21.91 -3.89 7.56
C SER A 40 21.05 -3.26 8.65
N ARG A 41 20.91 -1.93 8.57
CA ARG A 41 20.03 -1.17 9.45
C ARG A 41 18.77 -0.68 8.75
N ARG A 42 18.47 -1.26 7.58
CA ARG A 42 17.31 -0.86 6.78
C ARG A 42 16.30 -1.99 6.84
N TRP A 43 15.03 -1.64 7.08
CA TRP A 43 13.93 -2.60 7.16
C TRP A 43 12.80 -2.19 6.22
N LEU A 44 12.34 -3.14 5.41
CA LEU A 44 11.25 -2.91 4.45
C LEU A 44 10.07 -3.80 4.83
N LEU A 45 8.94 -3.19 5.14
CA LEU A 45 7.71 -3.92 5.48
C LEU A 45 6.68 -3.65 4.39
N PHE A 46 6.33 -4.70 3.62
CA PHE A 46 5.46 -4.56 2.45
C PHE A 46 4.05 -5.07 2.74
N LEU A 47 3.04 -4.25 2.41
CA LEU A 47 1.63 -4.61 2.58
C LEU A 47 1.01 -5.08 1.26
N GLU A 48 0.49 -6.32 1.24
CA GLU A 48 -0.21 -6.85 0.07
C GLU A 48 -1.59 -6.17 -0.09
N GLY A 49 -2.09 -6.15 -1.33
CA GLY A 49 -3.43 -5.70 -1.66
C GLY A 49 -4.36 -6.85 -2.05
N GLY A 50 -5.56 -6.46 -2.54
CA GLY A 50 -6.58 -7.39 -2.98
C GLY A 50 -8.03 -7.03 -2.64
N TRP A 51 -8.45 -5.81 -3.02
CA TRP A 51 -9.77 -5.21 -2.80
C TRP A 51 -10.18 -5.28 -1.34
N TYR A 52 -11.45 -5.60 -1.05
CA TYR A 52 -11.97 -5.65 0.31
C TYR A 52 -13.37 -6.27 0.23
N CYS A 53 -13.99 -6.49 1.40
CA CYS A 53 -15.41 -6.85 1.45
C CYS A 53 -16.09 -6.01 2.52
N PHE A 54 -17.40 -5.73 2.32
CA PHE A 54 -18.04 -4.70 3.13
C PHE A 54 -19.34 -5.10 3.83
N ASN A 55 -19.83 -6.32 3.68
CA ASN A 55 -20.93 -6.81 4.49
C ASN A 55 -20.87 -8.32 4.55
N ARG A 56 -21.82 -8.93 5.27
CA ARG A 56 -21.78 -10.36 5.51
C ARG A 56 -21.79 -11.15 4.20
N GLU A 57 -22.82 -10.92 3.37
CA GLU A 57 -22.97 -11.68 2.14
C GLU A 57 -21.78 -11.47 1.21
N ASN A 58 -21.29 -10.23 1.12
CA ASN A 58 -20.14 -9.93 0.26
C ASN A 58 -18.87 -10.60 0.79
N CYS A 59 -18.72 -10.65 2.12
CA CYS A 59 -17.56 -11.34 2.68
C CYS A 59 -17.70 -12.85 2.60
N ASP A 60 -18.94 -13.38 2.68
CA ASP A 60 -19.17 -14.80 2.50
C ASP A 60 -18.69 -15.29 1.13
N SER A 61 -18.97 -14.51 0.09
N SER A 61 -18.96 -14.52 0.08
CA SER A 61 -18.57 -14.86 -1.26
CA SER A 61 -18.54 -14.95 -1.25
C SER A 61 -17.06 -14.87 -1.39
C SER A 61 -17.03 -14.88 -1.41
N ARG A 62 -16.39 -13.85 -0.82
CA ARG A 62 -14.93 -13.83 -0.78
C ARG A 62 -14.36 -15.03 -0.04
N TYR A 63 -15.05 -15.51 1.01
CA TYR A 63 -14.53 -16.65 1.77
C TYR A 63 -14.60 -17.94 0.97
N ASP A 64 -15.49 -18.00 -0.01
CA ASP A 64 -15.62 -19.20 -0.83
C ASP A 64 -14.48 -19.32 -1.86
N THR A 65 -14.04 -18.19 -2.44
CA THR A 65 -13.12 -18.20 -3.59
C THR A 65 -11.81 -17.46 -3.38
N MET A 66 -11.61 -16.77 -2.26
CA MET A 66 -10.40 -15.99 -2.02
C MET A 66 -10.00 -16.16 -0.56
N ARG A 67 -9.96 -17.42 -0.11
CA ARG A 67 -9.84 -17.71 1.31
C ARG A 67 -8.46 -17.34 1.85
N ARG A 68 -7.41 -17.46 1.03
CA ARG A 68 -6.08 -17.06 1.49
C ARG A 68 -6.00 -15.58 1.84
N LEU A 69 -6.94 -14.76 1.33
CA LEU A 69 -7.09 -13.36 1.72
C LEU A 69 -8.00 -13.18 2.94
N MET A 70 -8.39 -14.27 3.59
CA MET A 70 -9.24 -14.18 4.77
C MET A 70 -8.80 -15.11 5.90
N SER A 71 -7.72 -15.84 5.73
CA SER A 71 -7.37 -16.94 6.62
C SER A 71 -5.92 -17.31 6.39
N SER A 72 -5.23 -17.74 7.45
CA SER A 72 -3.85 -18.21 7.34
C SER A 72 -3.74 -19.73 7.31
N ARG A 73 -4.87 -20.44 7.37
CA ARG A 73 -4.83 -21.89 7.55
C ARG A 73 -4.16 -22.63 6.39
N ASP A 74 -4.14 -22.05 5.19
CA ASP A 74 -3.54 -22.69 4.02
C ASP A 74 -2.29 -21.96 3.51
N TRP A 75 -1.73 -21.04 4.31
CA TRP A 75 -0.55 -20.29 3.86
C TRP A 75 0.67 -21.21 3.73
N PRO A 76 1.53 -20.99 2.75
CA PRO A 76 2.78 -21.76 2.66
C PRO A 76 3.83 -21.21 3.61
N ARG A 77 4.82 -22.06 3.92
CA ARG A 77 5.82 -21.71 4.92
C ARG A 77 6.90 -20.80 4.37
N THR A 78 7.01 -20.63 3.05
CA THR A 78 7.98 -19.71 2.47
C THR A 78 7.33 -18.93 1.32
N ARG A 79 7.97 -17.82 0.94
CA ARG A 79 7.62 -17.07 -0.26
C ARG A 79 8.89 -16.46 -0.86
N THR A 80 8.91 -16.35 -2.19
CA THR A 80 10.06 -15.77 -2.88
C THR A 80 9.91 -14.24 -2.98
N GLY A 81 10.95 -13.51 -2.56
CA GLY A 81 10.92 -12.06 -2.68
C GLY A 81 11.25 -11.63 -4.09
N THR A 82 10.39 -10.78 -4.65
CA THR A 82 10.56 -10.29 -6.01
C THR A 82 10.50 -8.76 -6.03
N GLY A 83 11.12 -8.18 -7.05
CA GLY A 83 11.11 -6.74 -7.20
C GLY A 83 11.84 -6.07 -6.06
N ILE A 84 11.17 -5.16 -5.37
CA ILE A 84 11.82 -4.44 -4.26
C ILE A 84 12.07 -5.38 -3.08
N LEU A 85 11.41 -6.55 -3.02
CA LEU A 85 11.69 -7.54 -1.99
C LEU A 85 12.76 -8.55 -2.40
N SER A 86 13.37 -8.40 -3.57
CA SER A 86 14.48 -9.27 -3.96
C SER A 86 15.78 -8.83 -3.28
N SER A 87 16.61 -9.82 -2.93
CA SER A 87 17.93 -9.57 -2.36
C SER A 87 19.03 -9.55 -3.40
N GLN A 88 18.66 -9.63 -4.68
CA GLN A 88 19.63 -9.69 -5.77
C GLN A 88 19.87 -8.28 -6.31
N PRO A 89 21.11 -7.80 -6.32
CA PRO A 89 21.36 -6.41 -6.77
C PRO A 89 20.87 -6.14 -8.18
N GLU A 90 20.98 -7.14 -9.06
CA GLU A 90 20.56 -6.97 -10.45
C GLU A 90 19.05 -6.78 -10.53
N GLU A 91 18.27 -7.55 -9.76
CA GLU A 91 16.82 -7.39 -9.75
C GLU A 91 16.38 -6.21 -8.89
N ASN A 92 17.17 -5.81 -7.89
CA ASN A 92 16.78 -4.78 -6.92
C ASN A 92 17.96 -3.86 -6.66
N PRO A 93 18.23 -2.92 -7.58
CA PRO A 93 19.34 -1.98 -7.38
C PRO A 93 19.15 -1.04 -6.18
N TYR A 94 17.93 -0.87 -5.69
CA TYR A 94 17.66 0.11 -4.64
C TYR A 94 18.03 -0.39 -3.24
N TRP A 95 17.39 -1.47 -2.78
CA TRP A 95 17.50 -1.91 -1.38
C TRP A 95 17.75 -3.41 -1.25
N TRP A 96 18.60 -3.98 -2.13
CA TRP A 96 18.82 -5.43 -2.14
C TRP A 96 19.38 -5.98 -0.83
N ASN A 97 20.06 -5.17 -0.04
CA ASN A 97 20.68 -5.63 1.20
C ASN A 97 19.81 -5.41 2.44
N ALA A 98 18.56 -5.00 2.27
CA ALA A 98 17.70 -4.69 3.42
C ALA A 98 17.11 -5.96 4.05
N ASN A 99 16.69 -5.83 5.31
CA ASN A 99 15.84 -6.82 5.96
C ASN A 99 14.45 -6.76 5.31
N MET A 100 13.96 -7.90 4.80
CA MET A 100 12.73 -7.92 4.00
C MET A 100 11.58 -8.53 4.77
N VAL A 101 10.42 -7.85 4.77
CA VAL A 101 9.22 -8.36 5.42
C VAL A 101 8.03 -8.23 4.47
N PHE A 102 7.27 -9.31 4.33
CA PHE A 102 6.05 -9.34 3.53
C PHE A 102 4.90 -9.66 4.47
N ILE A 103 3.93 -8.74 4.58
CA ILE A 103 2.80 -8.92 5.48
C ILE A 103 1.58 -9.29 4.64
N PRO A 104 1.11 -10.54 4.70
CA PRO A 104 -0.07 -10.92 3.91
C PRO A 104 -1.34 -10.20 4.36
N TYR A 105 -2.18 -9.90 3.38
CA TYR A 105 -3.46 -9.20 3.56
C TYR A 105 -4.51 -10.26 3.87
N CYS A 106 -4.94 -10.35 5.15
CA CYS A 106 -6.03 -11.29 5.45
C CYS A 106 -7.14 -10.64 6.27
N SER A 107 -7.29 -9.31 6.21
CA SER A 107 -8.31 -8.58 6.97
C SER A 107 -9.38 -7.90 6.09
N SER A 108 -9.23 -7.87 4.76
CA SER A 108 -10.27 -7.41 3.82
C SER A 108 -10.83 -6.02 4.16
N ASP A 109 -9.99 -5.17 4.77
CA ASP A 109 -10.43 -3.87 5.29
C ASP A 109 -9.53 -2.72 4.87
N VAL A 110 -8.79 -2.86 3.76
CA VAL A 110 -7.85 -1.84 3.30
C VAL A 110 -6.88 -1.48 4.44
N TRP A 111 -6.60 -2.44 5.32
CA TRP A 111 -5.64 -2.26 6.41
C TRP A 111 -6.08 -1.21 7.43
N SER A 112 -7.41 -1.00 7.60
CA SER A 112 -7.96 0.04 8.47
C SER A 112 -8.69 -0.48 9.71
N GLY A 113 -9.00 -1.77 9.80
CA GLY A 113 -9.91 -2.23 10.85
C GLY A 113 -9.26 -2.41 12.21
N ALA A 114 -10.14 -2.36 13.22
CA ALA A 114 -9.75 -2.61 14.61
C ALA A 114 -10.95 -3.19 15.36
N SER A 115 -11.45 -4.33 14.86
N SER A 115 -11.48 -4.31 14.85
CA SER A 115 -12.63 -5.00 15.43
CA SER A 115 -12.62 -4.98 15.48
C SER A 115 -12.38 -6.50 15.51
C SER A 115 -12.36 -6.47 15.52
N SER A 116 -12.63 -7.09 16.67
CA SER A 116 -12.43 -8.52 16.88
C SER A 116 -13.66 -9.31 16.47
N LYS A 117 -13.45 -10.59 16.17
CA LYS A 117 -14.54 -11.53 16.04
C LYS A 117 -15.20 -11.72 17.41
N SER A 118 -16.52 -11.82 17.43
CA SER A 118 -17.24 -11.94 18.70
C SER A 118 -18.64 -12.49 18.44
N GLU A 119 -19.41 -12.65 19.52
CA GLU A 119 -20.79 -13.10 19.41
C GLU A 119 -21.64 -12.18 18.53
N LYS A 120 -21.22 -10.93 18.34
CA LYS A 120 -21.93 -9.98 17.50
C LYS A 120 -21.29 -9.77 16.13
N ASN A 121 -20.12 -10.34 15.89
CA ASN A 121 -19.35 -10.13 14.66
C ASN A 121 -18.96 -11.48 14.07
N GLU A 122 -19.46 -11.78 12.87
CA GLU A 122 -19.06 -13.01 12.20
C GLU A 122 -17.58 -13.00 11.81
N TYR A 123 -17.03 -11.85 11.44
CA TYR A 123 -15.65 -11.76 11.00
C TYR A 123 -14.86 -10.76 11.84
N ALA A 124 -13.55 -11.00 11.94
CA ALA A 124 -12.65 -10.01 12.55
C ALA A 124 -12.04 -9.17 11.44
N PHE A 125 -11.93 -7.86 11.70
CA PHE A 125 -11.28 -6.91 10.79
C PHE A 125 -10.23 -6.16 11.61
N MET A 126 -8.97 -6.60 11.53
CA MET A 126 -7.94 -6.09 12.42
C MET A 126 -6.70 -5.58 11.67
N GLY A 127 -6.88 -5.13 10.41
CA GLY A 127 -5.72 -4.75 9.60
C GLY A 127 -4.79 -3.74 10.25
N ALA A 128 -5.35 -2.69 10.86
CA ALA A 128 -4.51 -1.68 11.52
C ALA A 128 -3.77 -2.27 12.71
N LEU A 129 -4.40 -3.22 13.43
CA LEU A 129 -3.76 -3.83 14.59
C LEU A 129 -2.73 -4.87 14.18
N ILE A 130 -2.91 -5.45 13.00
CA ILE A 130 -1.94 -6.41 12.47
C ILE A 130 -0.60 -5.73 12.19
N ILE A 131 -0.63 -4.56 11.54
CA ILE A 131 0.60 -3.81 11.27
C ILE A 131 1.34 -3.49 12.56
N GLN A 132 0.61 -3.01 13.58
CA GLN A 132 1.29 -2.61 14.81
C GLN A 132 1.88 -3.81 15.55
N GLU A 133 1.22 -4.97 15.48
CA GLU A 133 1.73 -6.13 16.19
C GLU A 133 2.94 -6.71 15.48
N VAL A 134 2.98 -6.63 14.15
CA VAL A 134 4.17 -7.06 13.42
C VAL A 134 5.36 -6.18 13.81
N VAL A 135 5.14 -4.87 13.88
CA VAL A 135 6.21 -3.96 14.29
C VAL A 135 6.70 -4.31 15.69
N ARG A 136 5.76 -4.58 16.62
CA ARG A 136 6.15 -4.88 17.99
C ARG A 136 7.00 -6.15 18.05
N GLU A 137 6.57 -7.21 17.35
CA GLU A 137 7.32 -8.46 17.46
C GLU A 137 8.66 -8.39 16.73
N LEU A 138 8.78 -7.54 15.70
CA LEU A 138 10.03 -7.43 14.95
C LEU A 138 11.14 -6.74 15.75
N LEU A 139 10.80 -5.84 16.67
CA LEU A 139 11.83 -5.15 17.44
C LEU A 139 12.76 -6.13 18.13
N GLY A 140 12.23 -7.25 18.63
CA GLY A 140 13.04 -8.30 19.22
C GLY A 140 13.80 -9.17 18.26
N ARG A 141 13.66 -8.92 16.95
CA ARG A 141 14.41 -9.64 15.93
C ARG A 141 15.35 -8.70 15.18
N GLY A 142 15.73 -7.57 15.78
CA GLY A 142 16.72 -6.68 15.21
C GLY A 142 16.19 -5.31 14.79
N LEU A 143 14.87 -5.16 14.64
CA LEU A 143 14.33 -3.85 14.28
C LEU A 143 14.70 -2.78 15.29
N SER A 144 14.97 -3.15 16.53
CA SER A 144 15.35 -2.17 17.54
C SER A 144 16.66 -1.46 17.23
N GLY A 145 17.49 -2.04 16.36
CA GLY A 145 18.71 -1.37 15.96
C GLY A 145 18.64 -0.74 14.58
N ALA A 146 17.41 -0.53 14.07
CA ALA A 146 17.22 -0.03 12.73
C ALA A 146 17.51 1.47 12.65
N LYS A 147 17.88 1.92 11.45
CA LYS A 147 17.93 3.34 11.15
C LYS A 147 16.75 3.84 10.35
N VAL A 148 16.23 3.02 9.43
CA VAL A 148 15.10 3.44 8.61
C VAL A 148 14.12 2.27 8.49
N LEU A 149 12.83 2.57 8.65
CA LEU A 149 11.77 1.61 8.42
C LEU A 149 10.91 2.16 7.28
N LEU A 150 10.92 1.49 6.15
CA LEU A 150 10.13 1.87 4.98
C LEU A 150 8.89 0.98 4.94
N LEU A 151 7.71 1.58 5.10
CA LEU A 151 6.43 0.88 5.01
C LEU A 151 5.90 1.07 3.58
N ALA A 152 5.93 0.01 2.81
CA ALA A 152 5.52 0.01 1.41
C ALA A 152 4.27 -0.85 1.21
N GLY A 153 3.65 -0.71 0.04
CA GLY A 153 2.49 -1.53 -0.26
C GLY A 153 1.95 -1.23 -1.65
N SER A 154 1.20 -2.21 -2.20
CA SER A 154 0.68 -2.12 -3.57
C SER A 154 -0.83 -2.31 -3.54
N SER A 155 -1.53 -1.50 -4.34
CA SER A 155 -3.01 -1.55 -4.52
CA SER A 155 -3.00 -1.57 -4.51
C SER A 155 -3.65 -1.22 -3.18
N ALA A 156 -4.56 -2.05 -2.62
CA ALA A 156 -5.11 -1.71 -1.30
C ALA A 156 -4.01 -1.64 -0.25
N GLY A 157 -2.91 -2.36 -0.46
CA GLY A 157 -1.77 -2.19 0.44
C GLY A 157 -1.12 -0.83 0.31
N GLY A 158 -1.16 -0.25 -0.90
CA GLY A 158 -0.69 1.11 -1.09
C GLY A 158 -1.56 2.14 -0.40
N THR A 159 -2.88 1.99 -0.51
CA THR A 159 -3.77 2.83 0.31
C THR A 159 -3.53 2.60 1.81
N GLY A 160 -3.22 1.35 2.18
CA GLY A 160 -2.94 1.04 3.57
C GLY A 160 -1.70 1.73 4.10
N VAL A 161 -0.70 2.00 3.24
CA VAL A 161 0.46 2.79 3.67
C VAL A 161 0.00 4.19 4.09
N LEU A 162 -0.83 4.82 3.26
CA LEU A 162 -1.30 6.17 3.59
C LEU A 162 -2.08 6.20 4.89
N LEU A 163 -2.83 5.14 5.20
CA LEU A 163 -3.65 5.10 6.41
C LEU A 163 -2.85 4.79 7.67
N ASN A 164 -1.64 4.19 7.55
CA ASN A 164 -0.94 3.62 8.70
C ASN A 164 0.46 4.19 8.95
N VAL A 165 1.08 4.91 8.01
CA VAL A 165 2.49 5.24 8.17
C VAL A 165 2.71 6.13 9.40
N ASP A 166 1.84 7.13 9.61
CA ASP A 166 2.04 8.02 10.75
C ASP A 166 1.82 7.29 12.07
N ARG A 167 0.96 6.27 12.09
CA ARG A 167 0.73 5.54 13.34
C ARG A 167 1.91 4.64 13.69
N VAL A 168 2.57 4.07 12.69
CA VAL A 168 3.80 3.32 12.95
C VAL A 168 4.86 4.22 13.57
N ALA A 169 5.01 5.43 13.04
CA ALA A 169 6.00 6.36 13.59
C ALA A 169 5.65 6.77 15.02
N GLU A 170 4.36 7.08 15.27
CA GLU A 170 3.93 7.44 16.63
C GLU A 170 4.11 6.29 17.61
N GLN A 171 3.95 5.05 17.14
CA GLN A 171 4.08 3.88 18.00
C GLN A 171 5.52 3.68 18.43
N LEU A 172 6.48 3.81 17.50
CA LEU A 172 7.88 3.69 17.87
C LEU A 172 8.37 4.91 18.64
N GLU A 173 7.81 6.09 18.36
CA GLU A 173 8.23 7.30 19.05
C GLU A 173 7.98 7.21 20.55
N LYS A 174 6.90 6.53 20.94
CA LYS A 174 6.53 6.42 22.35
C LYS A 174 6.97 5.11 23.00
N LEU A 175 7.45 4.14 22.22
CA LEU A 175 8.13 2.99 22.79
C LEU A 175 9.61 3.25 23.09
N GLY A 176 10.08 4.47 22.83
CA GLY A 176 11.44 4.83 23.14
C GLY A 176 12.43 4.66 22.01
N TYR A 177 11.98 4.76 20.75
CA TYR A 177 12.84 4.62 19.57
C TYR A 177 12.71 5.84 18.67
N PRO A 178 13.11 7.03 19.15
CA PRO A 178 12.99 8.22 18.30
C PRO A 178 14.00 8.27 17.18
N ALA A 179 14.96 7.35 17.13
CA ALA A 179 16.01 7.38 16.12
C ALA A 179 15.64 6.62 14.85
N ILE A 180 14.64 5.75 14.89
CA ILE A 180 14.21 5.02 13.70
C ILE A 180 13.39 5.97 12.83
N GLN A 181 13.85 6.19 11.59
CA GLN A 181 13.13 7.05 10.66
C GLN A 181 12.08 6.25 9.90
N VAL A 182 10.80 6.58 10.10
CA VAL A 182 9.71 5.91 9.41
C VAL A 182 9.35 6.69 8.15
N ARG A 183 9.26 5.99 7.01
CA ARG A 183 8.88 6.54 5.70
C ARG A 183 7.81 5.65 5.06
N GLY A 184 7.16 6.15 4.02
CA GLY A 184 6.15 5.39 3.32
C GLY A 184 6.39 5.34 1.82
N LEU A 185 5.99 4.21 1.21
CA LEU A 185 6.06 4.02 -0.25
C LEU A 185 4.73 3.44 -0.71
N ALA A 186 3.88 4.25 -1.36
CA ALA A 186 2.51 3.87 -1.71
C ALA A 186 2.41 3.67 -3.22
N ASP A 187 2.19 2.42 -3.62
CA ASP A 187 2.17 1.97 -5.01
C ASP A 187 0.73 1.63 -5.40
N SER A 188 0.21 2.30 -6.42
CA SER A 188 -1.11 1.96 -6.98
C SER A 188 -2.24 2.07 -5.97
N GLY A 189 -2.13 3.03 -5.05
CA GLY A 189 -3.13 3.22 -4.01
C GLY A 189 -3.72 4.62 -3.99
N TRP A 190 -3.51 5.38 -5.09
CA TRP A 190 -3.85 6.80 -5.21
C TRP A 190 -5.00 6.96 -6.20
N PHE A 191 -6.24 7.07 -5.70
CA PHE A 191 -7.45 7.05 -6.51
C PHE A 191 -8.20 8.37 -6.51
N LEU A 192 -9.03 8.57 -7.55
CA LEU A 192 -9.91 9.73 -7.66
C LEU A 192 -11.35 9.28 -7.46
N ASP A 193 -12.09 10.06 -6.66
CA ASP A 193 -13.52 9.88 -6.48
C ASP A 193 -14.27 10.71 -7.54
N ASN A 194 -14.09 10.30 -8.80
CA ASN A 194 -14.61 11.03 -9.96
C ASN A 194 -15.95 10.44 -10.40
N LYS A 195 -16.53 11.02 -11.46
CA LYS A 195 -17.77 10.50 -12.03
C LYS A 195 -17.48 9.25 -12.86
N GLN A 196 -18.35 8.25 -12.75
CA GLN A 196 -18.21 7.04 -13.56
C GLN A 196 -18.53 7.34 -15.03
N TYR A 197 -17.84 6.62 -15.92
CA TYR A 197 -18.12 6.74 -17.37
C TYR A 197 -19.54 6.28 -17.68
N ARG A 198 -19.97 5.18 -17.06
CA ARG A 198 -21.35 4.69 -17.14
C ARG A 198 -21.91 4.41 -15.73
N PRO A 210 -18.92 3.16 -5.58
CA PRO A 210 -17.72 2.82 -4.81
C PRO A 210 -17.57 3.58 -3.49
N THR A 211 -17.89 4.88 -3.46
CA THR A 211 -17.70 5.61 -2.20
C THR A 211 -18.67 5.10 -1.14
N GLU A 212 -19.88 4.71 -1.56
CA GLU A 212 -20.83 4.14 -0.62
C GLU A 212 -20.34 2.80 -0.07
N ALA A 213 -19.69 2.00 -0.91
CA ALA A 213 -19.16 0.71 -0.44
C ALA A 213 -18.05 0.92 0.60
N ILE A 214 -17.20 1.94 0.40
CA ILE A 214 -16.21 2.31 1.42
C ILE A 214 -16.89 2.82 2.68
N ARG A 215 -17.92 3.68 2.54
CA ARG A 215 -18.59 4.20 3.72
C ARG A 215 -19.20 3.08 4.55
N ARG A 216 -19.83 2.09 3.89
CA ARG A 216 -20.41 0.95 4.61
C ARG A 216 -19.32 0.07 5.22
N GLY A 217 -18.21 -0.11 4.50
CA GLY A 217 -17.14 -0.94 5.00
C GLY A 217 -16.50 -0.40 6.28
N ILE A 218 -16.24 0.91 6.33
CA ILE A 218 -15.66 1.50 7.54
C ILE A 218 -16.54 1.21 8.75
N ARG A 219 -17.86 1.29 8.56
CA ARG A 219 -18.77 0.98 9.66
C ARG A 219 -18.70 -0.50 10.04
N TYR A 220 -18.74 -1.38 9.03
CA TYR A 220 -18.67 -2.82 9.29
C TYR A 220 -17.34 -3.20 9.95
N TRP A 221 -16.26 -2.48 9.64
CA TRP A 221 -14.92 -2.84 10.11
C TRP A 221 -14.53 -2.16 11.41
N ASN A 222 -15.29 -1.17 11.88
CA ASN A 222 -14.77 -0.24 12.86
C ASN A 222 -13.43 0.33 12.39
N GLY A 223 -13.41 0.78 11.14
CA GLY A 223 -12.17 1.26 10.54
C GLY A 223 -11.72 2.58 11.13
N VAL A 224 -10.40 2.79 11.14
CA VAL A 224 -9.78 4.01 11.67
C VAL A 224 -8.91 4.64 10.60
N VAL A 225 -8.80 5.97 10.66
CA VAL A 225 -8.04 6.74 9.66
C VAL A 225 -7.09 7.67 10.40
N PRO A 226 -6.07 8.21 9.72
CA PRO A 226 -5.07 9.03 10.44
C PRO A 226 -5.72 10.23 11.12
N GLU A 227 -5.12 10.64 12.24
CA GLU A 227 -5.79 11.51 13.21
C GLU A 227 -6.14 12.89 12.63
N ARG A 228 -5.17 13.56 12.01
CA ARG A 228 -5.44 14.91 11.51
C ARG A 228 -6.50 14.89 10.41
N CYS A 229 -6.44 13.89 9.53
CA CYS A 229 -7.45 13.75 8.48
C CYS A 229 -8.83 13.54 9.07
N ARG A 230 -8.94 12.64 10.06
CA ARG A 230 -10.19 12.41 10.78
C ARG A 230 -10.76 13.69 11.39
N ARG A 231 -9.89 14.54 11.93
CA ARG A 231 -10.39 15.77 12.55
C ARG A 231 -10.84 16.79 11.51
N GLN A 232 -10.28 16.73 10.29
CA GLN A 232 -10.73 17.62 9.23
C GLN A 232 -12.14 17.25 8.76
N PHE A 233 -12.37 15.96 8.50
CA PHE A 233 -13.63 15.56 7.86
C PHE A 233 -14.71 15.20 8.86
N GLN A 234 -14.33 14.75 10.05
CA GLN A 234 -15.20 14.49 11.19
C GLN A 234 -16.20 13.37 10.96
N GLU A 235 -17.08 13.15 11.94
CA GLU A 235 -17.88 11.94 11.99
C GLU A 235 -18.71 11.74 10.73
N GLY A 236 -18.71 10.50 10.23
CA GLY A 236 -19.49 10.13 9.08
C GLY A 236 -18.84 10.38 7.74
N GLU A 237 -17.77 11.18 7.70
CA GLU A 237 -17.10 11.52 6.45
C GLU A 237 -15.67 10.97 6.38
N GLU A 238 -15.30 10.05 7.26
CA GLU A 238 -13.92 9.56 7.29
C GLU A 238 -13.56 8.80 6.03
N TRP A 239 -14.55 8.37 5.25
CA TRP A 239 -14.29 7.73 3.97
C TRP A 239 -13.46 8.61 3.05
N ASN A 240 -13.46 9.94 3.27
CA ASN A 240 -12.66 10.84 2.44
C ASN A 240 -11.18 10.54 2.59
N CYS A 241 -10.77 10.02 3.74
CA CYS A 241 -9.34 9.79 4.01
C CYS A 241 -8.81 8.56 3.29
N PHE A 242 -9.65 7.82 2.56
CA PHE A 242 -9.17 6.72 1.70
C PHE A 242 -8.67 7.20 0.35
N PHE A 243 -8.86 8.47 0.01
CA PHE A 243 -8.45 9.03 -1.27
C PHE A 243 -7.15 9.83 -1.07
N GLY A 244 -6.10 9.45 -1.80
CA GLY A 244 -4.76 9.97 -1.53
C GLY A 244 -4.66 11.49 -1.56
N TYR A 245 -5.30 12.14 -2.54
CA TYR A 245 -5.11 13.59 -2.62
C TYR A 245 -5.77 14.33 -1.46
N LYS A 246 -6.62 13.67 -0.68
CA LYS A 246 -7.23 14.26 0.51
C LYS A 246 -6.43 13.94 1.78
N VAL A 247 -5.88 12.74 1.91
CA VAL A 247 -5.20 12.35 3.15
C VAL A 247 -3.70 12.72 3.14
N TYR A 248 -3.04 12.65 1.99
CA TYR A 248 -1.61 12.95 1.91
C TYR A 248 -1.25 14.33 2.46
N PRO A 249 -1.96 15.42 2.13
CA PRO A 249 -1.63 16.72 2.75
C PRO A 249 -1.63 16.71 4.27
N THR A 250 -2.25 15.73 4.91
CA THR A 250 -2.33 15.76 6.37
C THR A 250 -1.20 14.99 7.04
N LEU A 251 -0.41 14.25 6.26
CA LEU A 251 0.57 13.31 6.82
C LEU A 251 1.87 14.03 7.21
N ARG A 252 2.51 13.50 8.25
CA ARG A 252 3.75 14.05 8.78
C ARG A 252 4.98 13.29 8.29
N SER A 253 4.84 12.03 8.01
CA SER A 253 5.98 11.23 7.59
C SER A 253 6.24 11.40 6.09
N PRO A 254 7.50 11.28 5.65
CA PRO A 254 7.79 11.33 4.20
C PRO A 254 7.16 10.15 3.45
N VAL A 255 6.48 10.44 2.34
CA VAL A 255 5.77 9.42 1.56
C VAL A 255 6.09 9.60 0.09
N PHE A 256 6.60 8.56 -0.55
CA PHE A 256 6.85 8.50 -1.99
C PHE A 256 5.65 7.82 -2.66
N VAL A 257 5.07 8.47 -3.68
CA VAL A 257 3.84 8.00 -4.33
C VAL A 257 4.15 7.48 -5.74
N VAL A 258 3.91 6.19 -5.98
CA VAL A 258 4.03 5.55 -7.28
C VAL A 258 2.63 5.28 -7.83
N GLN A 259 2.33 5.77 -9.02
CA GLN A 259 0.95 5.67 -9.51
C GLN A 259 0.90 5.74 -11.03
N TRP A 260 0.47 4.65 -11.67
CA TRP A 260 0.11 4.73 -13.08
C TRP A 260 -0.99 5.78 -13.29
N LEU A 261 -0.83 6.58 -14.35
CA LEU A 261 -1.84 7.59 -14.65
C LEU A 261 -3.17 6.96 -15.05
N PHE A 262 -3.15 5.75 -15.61
CA PHE A 262 -4.38 5.05 -16.01
C PHE A 262 -4.44 3.70 -15.31
N ASP A 263 -4.74 3.73 -14.01
CA ASP A 263 -4.71 2.51 -13.20
C ASP A 263 -5.92 1.62 -13.53
N GLU A 264 -5.65 0.32 -13.70
CA GLU A 264 -6.70 -0.63 -14.07
C GLU A 264 -7.81 -0.66 -13.02
N ALA A 265 -7.44 -0.55 -11.74
CA ALA A 265 -8.45 -0.56 -10.67
C ALA A 265 -9.31 0.69 -10.71
N GLN A 266 -8.72 1.85 -11.03
CA GLN A 266 -9.50 3.07 -11.25
C GLN A 266 -10.50 2.92 -12.40
N LEU A 267 -10.05 2.40 -13.55
CA LEU A 267 -10.97 2.21 -14.66
C LEU A 267 -12.07 1.21 -14.31
N THR A 268 -11.77 0.24 -13.46
CA THR A 268 -12.80 -0.73 -13.05
C THR A 268 -13.91 -0.05 -12.26
N VAL A 269 -13.56 0.71 -11.22
CA VAL A 269 -14.59 1.42 -10.47
C VAL A 269 -15.23 2.55 -11.28
N ASP A 270 -14.66 2.94 -12.43
CA ASP A 270 -15.30 3.91 -13.32
C ASP A 270 -16.14 3.24 -14.42
N ASN A 271 -16.28 1.92 -14.40
CA ASN A 271 -17.08 1.16 -15.39
C ASN A 271 -16.56 1.37 -16.82
N VAL A 272 -15.25 1.45 -16.97
CA VAL A 272 -14.60 1.53 -18.28
C VAL A 272 -14.01 0.17 -18.61
N HIS A 273 -14.42 -0.41 -19.74
CA HIS A 273 -13.87 -1.70 -20.18
C HIS A 273 -13.35 -1.64 -21.61
N VAL A 279 -12.28 3.37 -30.09
CA VAL A 279 -12.66 4.23 -28.97
C VAL A 279 -13.27 5.52 -29.52
N GLN A 280 -14.54 5.74 -29.18
CA GLN A 280 -15.31 6.88 -29.64
C GLN A 280 -14.92 8.15 -28.88
N GLU A 281 -15.38 9.29 -29.41
CA GLU A 281 -15.01 10.59 -28.85
C GLU A 281 -15.31 10.69 -27.36
N GLY A 282 -16.49 10.23 -26.94
CA GLY A 282 -16.86 10.33 -25.54
C GLY A 282 -15.88 9.62 -24.62
N LEU A 283 -15.58 8.36 -24.93
CA LEU A 283 -14.63 7.62 -24.11
C LEU A 283 -13.23 8.22 -24.20
N ARG A 284 -12.85 8.73 -25.38
CA ARG A 284 -11.54 9.36 -25.53
C ARG A 284 -11.39 10.53 -24.58
N LEU A 285 -12.34 11.46 -24.61
CA LEU A 285 -12.27 12.61 -23.71
C LEU A 285 -12.33 12.19 -22.24
N TYR A 286 -13.10 11.14 -21.93
CA TYR A 286 -13.16 10.65 -20.55
C TYR A 286 -11.77 10.19 -20.08
N ILE A 287 -11.06 9.45 -20.92
CA ILE A 287 -9.77 8.89 -20.53
C ILE A 287 -8.72 9.99 -20.44
N GLN A 288 -8.75 10.95 -21.37
CA GLN A 288 -7.78 12.04 -21.33
C GLN A 288 -8.00 12.93 -20.10
N ASN A 289 -9.26 13.18 -19.76
CA ASN A 289 -9.54 13.96 -18.56
C ASN A 289 -9.10 13.24 -17.28
N LEU A 290 -9.22 11.90 -17.24
CA LEU A 290 -8.75 11.14 -16.08
C LEU A 290 -7.25 11.30 -15.86
N GLY A 291 -6.46 11.09 -16.92
CA GLY A 291 -5.01 11.34 -16.84
C GLY A 291 -4.64 12.76 -16.42
N ARG A 292 -5.33 13.75 -16.99
CA ARG A 292 -5.06 15.14 -16.63
C ARG A 292 -5.36 15.41 -15.16
N GLU A 293 -6.49 14.88 -14.66
CA GLU A 293 -6.83 15.12 -13.26
C GLU A 293 -5.85 14.44 -12.31
N LEU A 294 -5.42 13.22 -12.64
CA LEU A 294 -4.47 12.54 -11.76
C LEU A 294 -3.12 13.28 -11.73
N ARG A 295 -2.62 13.67 -12.89
CA ARG A 295 -1.43 14.55 -12.96
C ARG A 295 -1.58 15.77 -12.07
N HIS A 296 -2.75 16.41 -12.09
CA HIS A 296 -2.92 17.63 -11.29
C HIS A 296 -2.86 17.35 -9.79
N THR A 297 -3.40 16.20 -9.35
CA THR A 297 -3.34 15.89 -7.92
C THR A 297 -1.92 15.61 -7.47
N LEU A 298 -1.00 15.31 -8.39
CA LEU A 298 0.38 15.05 -8.00
C LEU A 298 1.27 16.27 -8.15
N LYS A 299 0.74 17.43 -8.53
CA LYS A 299 1.60 18.58 -8.83
C LYS A 299 2.44 18.99 -7.61
N ASP A 300 1.86 18.91 -6.41
CA ASP A 300 2.53 19.30 -5.18
C ASP A 300 2.92 18.09 -4.33
N VAL A 301 3.20 16.95 -4.98
CA VAL A 301 3.79 15.80 -4.30
C VAL A 301 5.25 15.73 -4.73
N PRO A 302 6.20 16.13 -3.88
CA PRO A 302 7.59 16.26 -4.37
C PRO A 302 8.30 14.95 -4.63
N ALA A 303 7.84 13.81 -4.07
CA ALA A 303 8.45 12.50 -4.34
C ALA A 303 7.39 11.61 -4.98
N SER A 304 7.50 11.40 -6.30
CA SER A 304 6.44 10.69 -7.01
C SER A 304 6.95 10.19 -8.35
N PHE A 305 6.33 9.09 -8.82
CA PHE A 305 6.69 8.41 -10.07
C PHE A 305 5.38 7.96 -10.73
N ALA A 306 4.98 8.62 -11.83
CA ALA A 306 3.66 8.42 -12.42
C ALA A 306 3.71 8.30 -13.94
N PRO A 307 3.93 7.09 -14.47
CA PRO A 307 4.02 6.92 -15.93
C PRO A 307 2.65 6.87 -16.60
N ALA A 308 2.62 7.28 -17.86
CA ALA A 308 1.37 7.26 -18.63
C ALA A 308 1.16 5.87 -19.24
N CYS A 309 0.75 4.93 -18.37
CA CYS A 309 0.51 3.56 -18.77
C CYS A 309 -0.82 3.08 -18.19
N LEU A 310 -1.45 2.13 -18.90
CA LEU A 310 -2.57 1.34 -18.39
C LEU A 310 -2.02 0.04 -17.82
N SER A 311 -2.04 -0.09 -16.50
CA SER A 311 -1.42 -1.25 -15.84
C SER A 311 -1.91 -1.29 -14.39
N HIS A 312 -1.24 -2.10 -13.57
CA HIS A 312 -1.64 -2.29 -12.17
C HIS A 312 -0.44 -2.78 -11.38
N GLU A 313 -0.06 -2.03 -10.33
CA GLU A 313 1.06 -2.32 -9.43
C GLU A 313 2.41 -2.27 -10.15
N ILE A 314 3.50 -2.15 -9.37
CA ILE A 314 4.82 -2.19 -9.99
C ILE A 314 5.90 -2.74 -9.05
N ILE A 315 5.87 -2.38 -7.76
CA ILE A 315 7.13 -2.50 -7.02
C ILE A 315 7.51 -3.94 -6.67
N ILE A 316 6.59 -4.91 -6.63
CA ILE A 316 7.01 -6.31 -6.41
C ILE A 316 7.09 -7.12 -7.71
N ARG A 317 7.01 -6.47 -8.88
CA ARG A 317 7.17 -7.19 -10.14
C ARG A 317 8.65 -7.37 -10.48
N SER A 318 8.99 -8.56 -11.00
CA SER A 318 10.39 -8.88 -11.29
C SER A 318 11.03 -7.84 -12.21
N HIS A 319 10.26 -7.32 -13.17
CA HIS A 319 10.77 -6.36 -14.15
C HIS A 319 10.39 -4.94 -13.80
N TRP A 320 10.33 -4.61 -12.51
CA TRP A 320 10.05 -3.24 -12.12
C TRP A 320 11.16 -2.27 -12.50
N THR A 321 12.37 -2.76 -12.79
CA THR A 321 13.48 -1.91 -13.22
C THR A 321 13.34 -1.37 -14.64
N ASP A 322 12.36 -1.85 -15.40
CA ASP A 322 12.29 -1.54 -16.83
C ASP A 322 11.57 -0.23 -17.14
N VAL A 323 10.60 0.18 -16.34
N VAL A 323 10.60 0.19 -16.32
CA VAL A 323 9.84 1.39 -16.67
CA VAL A 323 9.84 1.40 -16.62
C VAL A 323 10.69 2.62 -16.36
C VAL A 323 10.69 2.64 -16.34
N GLN A 324 10.55 3.66 -17.19
CA GLN A 324 11.29 4.91 -17.04
C GLN A 324 10.36 6.09 -17.29
N VAL A 325 10.56 7.18 -16.54
CA VAL A 325 9.86 8.44 -16.79
C VAL A 325 10.91 9.51 -17.00
N LYS A 326 10.81 10.22 -18.14
CA LYS A 326 11.75 11.30 -18.48
C LYS A 326 13.20 10.82 -18.41
N GLY A 327 13.43 9.53 -18.70
CA GLY A 327 14.76 8.97 -18.75
C GLY A 327 15.29 8.34 -17.48
N THR A 328 14.49 8.32 -16.40
CA THR A 328 14.93 7.85 -15.08
C THR A 328 14.06 6.69 -14.60
N SER A 329 14.70 5.63 -14.09
CA SER A 329 13.97 4.45 -13.61
C SER A 329 13.43 4.67 -12.19
N LEU A 330 12.52 3.78 -11.76
CA LEU A 330 11.98 3.88 -10.40
C LEU A 330 13.04 3.57 -9.35
N PRO A 331 13.86 2.51 -9.45
CA PRO A 331 14.93 2.30 -8.46
C PRO A 331 15.85 3.51 -8.32
N ARG A 332 16.16 4.19 -9.43
CA ARG A 332 16.98 5.39 -9.34
C ARG A 332 16.24 6.50 -8.59
N ALA A 333 14.95 6.73 -8.92
CA ALA A 333 14.20 7.78 -8.24
C ALA A 333 14.17 7.55 -6.75
N LEU A 334 14.02 6.29 -6.31
CA LEU A 334 13.97 5.98 -4.89
C LEU A 334 15.33 6.23 -4.21
N HIS A 335 16.42 5.89 -4.90
CA HIS A 335 17.75 6.23 -4.39
C HIS A 335 17.93 7.75 -4.27
N CYS A 336 17.45 8.50 -5.26
CA CYS A 336 17.51 9.97 -5.19
C CYS A 336 16.69 10.51 -4.02
N TRP A 337 15.53 9.91 -3.77
CA TRP A 337 14.72 10.21 -2.59
C TRP A 337 15.55 9.99 -1.32
N ASP A 338 16.21 8.83 -1.21
CA ASP A 338 17.07 8.56 -0.06
C ASP A 338 18.11 9.66 0.11
N ARG A 339 18.73 10.10 -0.99
CA ARG A 339 19.74 11.16 -0.87
C ARG A 339 19.12 12.47 -0.42
N SER A 340 17.91 12.78 -0.90
CA SER A 340 17.27 14.04 -0.54
C SER A 340 16.90 14.11 0.95
N LEU A 341 16.71 12.95 1.60
CA LEU A 341 16.36 12.91 3.01
C LEU A 341 17.58 12.84 3.91
N HIS A 342 18.73 12.42 3.39
CA HIS A 342 19.99 12.49 4.14
C HIS A 342 20.55 13.91 4.09
N LYS A 353 21.43 17.48 -8.53
CA LYS A 353 21.99 17.48 -9.88
C LYS A 353 21.84 16.12 -10.58
N GLY A 354 20.92 16.03 -11.54
CA GLY A 354 20.74 14.79 -12.28
C GLY A 354 20.22 13.60 -11.49
N CYS A 355 19.55 13.85 -10.36
CA CYS A 355 19.01 12.80 -9.50
C CYS A 355 17.61 13.23 -9.09
N PRO A 356 16.65 13.13 -10.00
CA PRO A 356 15.31 13.67 -9.72
C PRO A 356 14.46 12.74 -8.88
N VAL A 357 13.50 13.34 -8.20
CA VAL A 357 12.58 12.60 -7.34
C VAL A 357 11.11 12.83 -7.69
N HIS A 358 10.81 13.85 -8.50
CA HIS A 358 9.45 14.16 -8.96
C HIS A 358 9.37 13.89 -10.45
N LEU A 359 8.74 12.77 -10.81
CA LEU A 359 8.73 12.26 -12.19
C LEU A 359 7.29 11.92 -12.60
N VAL A 360 6.65 12.83 -13.33
CA VAL A 360 5.24 12.67 -13.69
C VAL A 360 5.12 12.88 -15.19
N ASP A 361 4.63 11.87 -15.91
CA ASP A 361 4.44 11.99 -17.35
C ASP A 361 3.41 13.08 -17.68
N SER A 362 3.61 13.75 -18.81
CA SER A 362 2.67 14.74 -19.30
C SER A 362 1.96 14.32 -20.57
N CYS A 363 2.35 13.19 -21.19
CA CYS A 363 1.61 12.85 -22.41
C CYS A 363 0.27 12.21 -22.06
N PRO A 364 -0.75 12.36 -22.93
CA PRO A 364 -2.14 12.23 -22.50
C PRO A 364 -2.84 10.90 -22.83
N TRP A 365 -2.13 9.88 -23.33
CA TRP A 365 -2.79 8.63 -23.69
C TRP A 365 -2.00 7.44 -23.18
N PRO A 366 -2.66 6.36 -22.73
CA PRO A 366 -1.92 5.18 -22.28
C PRO A 366 -0.92 4.70 -23.33
N HIS A 367 0.27 4.29 -22.85
CA HIS A 367 1.38 3.83 -23.67
C HIS A 367 1.96 4.90 -24.60
N CYS A 368 1.75 6.19 -24.29
CA CYS A 368 2.58 7.22 -24.93
C CYS A 368 4.01 7.22 -24.38
N ASN A 369 4.23 6.56 -23.24
CA ASN A 369 5.56 6.26 -22.71
C ASN A 369 6.05 4.92 -23.28
N PRO A 370 7.16 4.89 -24.02
CA PRO A 370 7.56 3.62 -24.68
C PRO A 370 8.02 2.52 -23.73
N SER A 371 8.18 2.79 -22.43
CA SER A 371 8.64 1.78 -21.49
C SER A 371 7.51 1.18 -20.67
N CYS A 372 6.25 1.42 -21.06
CA CYS A 372 5.11 0.83 -20.36
C CYS A 372 5.19 -0.70 -20.45
N PRO A 373 4.67 -1.42 -19.44
CA PRO A 373 4.58 -2.88 -19.56
C PRO A 373 3.77 -3.28 -20.78
N THR A 374 4.23 -4.35 -21.43
CA THR A 374 3.53 -4.87 -22.60
C THR A 374 2.32 -5.70 -22.17
S SO4 B . -8.20 -19.90 -1.99
O1 SO4 B . -7.49 -18.68 -1.60
O2 SO4 B . -7.87 -20.98 -1.07
O3 SO4 B . -9.67 -19.72 -1.99
O4 SO4 B . -7.74 -20.28 -3.32
C1 NAG C . -2.50 -8.64 21.90
C2 NAG C . -2.12 -7.79 23.12
C3 NAG C . -3.34 -7.03 23.63
C4 NAG C . -3.99 -6.23 22.50
C5 NAG C . -4.30 -7.14 21.32
C6 NAG C . -4.82 -6.39 20.13
C7 NAG C . -0.24 -8.78 24.35
C8 NAG C . 0.17 -9.66 25.49
N2 NAG C . -1.55 -8.61 24.18
O3 NAG C . -2.95 -6.14 24.67
O4 NAG C . -5.19 -5.64 22.96
O5 NAG C . -3.10 -7.81 20.90
O6 NAG C . -3.96 -5.32 19.77
O7 NAG C . 0.58 -8.24 23.61
S DMS D . 21.54 -1.43 -0.88
O DMS D . 20.67 -2.31 -0.01
C1 DMS D . 23.27 -1.66 -0.38
C2 DMS D . 21.29 0.31 -0.39
S SO4 E . -22.33 -9.99 10.93
O1 SO4 E . -23.07 -8.89 11.52
O2 SO4 E . -20.91 -9.94 11.29
O3 SO4 E . -22.48 -9.88 9.47
O4 SO4 E . -22.91 -11.25 11.40
C10 T9K F . -9.06 0.24 -2.55
C13 T9K F . -9.94 0.92 -1.49
C01 T9K F . -6.75 -3.78 -3.60
C03 T9K F . -6.69 -3.98 -5.81
C05 T9K F . -7.12 -2.56 -6.22
C07 T9K F . -7.44 -0.93 -4.45
C08 T9K F . -6.94 0.04 -3.61
C09 T9K F . -7.74 0.64 -2.66
C11 T9K F . -9.58 -0.76 -3.37
C12 T9K F . -8.76 -1.35 -4.31
N14 T9K F . -10.56 1.43 -0.72
O02 T9K F . -6.06 -4.22 -4.65
O04 T9K F . -6.87 -4.97 -6.43
O06 T9K F . -6.59 -1.55 -5.40
#